data_6ZWF
#
_entry.id   6ZWF
#
_cell.length_a   42.087
_cell.length_b   82.910
_cell.length_c   89.465
_cell.angle_alpha   90.000
_cell.angle_beta   90.000
_cell.angle_gamma   90.000
#
_symmetry.space_group_name_H-M   'P 21 21 21'
#
loop_
_entity.id
_entity.type
_entity.pdbx_description
1 polymer Transaldolase
2 non-polymer 1,2-ETHANEDIOL
3 non-polymer 'CITRIC ACID'
4 non-polymer BETA-MERCAPTOETHANOL
5 non-polymer 'OXYGEN MOLECULE'
6 water water
#
_entity_poly.entity_id   1
_entity_poly.type   'polypeptide(L)'
_entity_poly.pdbx_seq_one_letter_code
;GMTILSDVKALGQQIWLDNLSRSLVQSGELAQMLKQGVCGVTSNPAIFQKAFAGDALYADEVAALKRQNLSPKQRYETMA
VADVRAACDVCLAEHESTGGKTGFVSLEVSPELAKDAQGTVEEARRLHAAIARKNAMIKVPATDAGIDALETLVSDGISV
NLTLLFSRAQTLKAYAAYARGIAKRLAAGQSVAHIQVVASFFISRVDSALDATLPDRLKGKTAIALAKAAYQDWEQYFTA
PEFAALEAQGANRVQLLWASTGVKNPAYPDTLYVDSLIGVHTVNTVPDATLKAFIDHGTAKATLTESADEARARLAEIAA
LGIDVETLAARLQEDGLKQFEEAFEKLLAPLV
;
_entity_poly.pdbx_strand_id   A
#
loop_
_chem_comp.id
_chem_comp.type
_chem_comp.name
_chem_comp.formula
BME non-polymer BETA-MERCAPTOETHANOL 'C2 H6 O S'
CIT non-polymer 'CITRIC ACID' 'C6 H8 O7'
EDO non-polymer 1,2-ETHANEDIOL 'C2 H6 O2'
OXY non-polymer 'OXYGEN MOLECULE' O2
#
# COMPACT_ATOMS: atom_id res chain seq x y z
N GLY A 1 2.30 22.70 -9.04
CA GLY A 1 3.19 22.26 -10.15
C GLY A 1 4.02 21.06 -9.72
N MET A 2 4.88 20.58 -10.63
N MET A 2 4.87 20.61 -10.63
CA MET A 2 5.53 19.30 -10.42
CA MET A 2 5.55 19.33 -10.43
C MET A 2 6.47 19.31 -9.21
C MET A 2 6.40 19.33 -9.18
N THR A 3 6.97 20.49 -8.81
CA THR A 3 7.86 20.52 -7.67
C THR A 3 7.14 20.20 -6.37
N ILE A 4 5.80 20.14 -6.37
CA ILE A 4 5.09 19.75 -5.15
C ILE A 4 5.55 18.37 -4.68
N LEU A 5 5.95 17.49 -5.61
CA LEU A 5 6.37 16.15 -5.19
C LEU A 5 7.63 16.21 -4.35
N SER A 6 8.59 17.06 -4.75
N SER A 6 8.59 17.06 -4.75
N SER A 6 8.58 17.06 -4.72
CA SER A 6 9.79 17.26 -3.96
CA SER A 6 9.78 17.26 -3.95
CA SER A 6 9.79 17.22 -3.92
C SER A 6 9.46 17.95 -2.64
C SER A 6 9.45 17.94 -2.63
C SER A 6 9.55 18.04 -2.66
N ASP A 7 8.54 18.91 -2.65
CA ASP A 7 8.16 19.58 -1.41
C ASP A 7 7.58 18.57 -0.41
N VAL A 8 6.78 17.63 -0.89
CA VAL A 8 6.23 16.61 0.00
C VAL A 8 7.34 15.71 0.53
N LYS A 9 8.31 15.35 -0.31
N LYS A 9 8.30 15.32 -0.32
CA LYS A 9 9.45 14.55 0.18
CA LYS A 9 9.45 14.59 0.17
C LYS A 9 10.23 15.30 1.26
C LYS A 9 10.10 15.32 1.32
N ALA A 10 10.30 16.63 1.17
CA ALA A 10 10.98 17.40 2.21
C ALA A 10 10.21 17.40 3.51
N LEU A 11 8.89 17.22 3.45
CA LEU A 11 8.05 17.08 4.63
C LEU A 11 8.07 15.65 5.17
N GLY A 12 8.79 14.74 4.50
CA GLY A 12 8.98 13.39 4.99
C GLY A 12 8.01 12.35 4.48
N GLN A 13 7.25 12.66 3.43
CA GLN A 13 6.34 11.68 2.84
C GLN A 13 6.75 11.36 1.41
N GLN A 14 6.76 10.07 1.09
CA GLN A 14 6.95 9.59 -0.28
C GLN A 14 5.61 9.47 -0.98
N ILE A 15 5.56 9.92 -2.23
N ILE A 15 5.57 9.87 -2.25
CA ILE A 15 4.42 9.69 -3.09
CA ILE A 15 4.40 9.69 -3.10
C ILE A 15 4.77 8.52 -4.02
C ILE A 15 4.69 8.59 -4.10
N TRP A 16 3.91 7.50 -4.02
CA TRP A 16 4.02 6.36 -4.91
C TRP A 16 2.87 6.37 -5.89
N LEU A 17 3.08 5.72 -7.03
CA LEU A 17 2.05 5.57 -8.06
C LEU A 17 1.32 4.26 -7.83
N ASP A 18 0.01 4.34 -7.67
CA ASP A 18 -0.84 3.17 -7.49
C ASP A 18 -1.37 2.70 -8.83
N ASN A 19 -0.42 2.27 -9.67
N ASN A 19 -0.43 2.27 -9.68
CA ASN A 19 -0.72 1.75 -10.99
CA ASN A 19 -0.75 1.77 -11.01
C ASN A 19 0.54 1.12 -11.53
C ASN A 19 0.52 1.21 -11.64
N LEU A 20 0.36 0.16 -12.43
CA LEU A 20 1.48 -0.46 -13.11
C LEU A 20 0.95 -1.07 -14.41
N SER A 21 1.75 -0.97 -15.47
CA SER A 21 1.43 -1.64 -16.72
C SER A 21 2.71 -1.79 -17.52
N ARG A 22 2.68 -2.73 -18.46
CA ARG A 22 3.81 -2.96 -19.34
C ARG A 22 4.19 -1.70 -20.10
N SER A 23 3.21 -0.97 -20.62
CA SER A 23 3.52 0.25 -21.37
C SER A 23 4.07 1.36 -20.47
N LEU A 24 3.58 1.46 -19.24
CA LEU A 24 4.10 2.50 -18.35
C LEU A 24 5.61 2.38 -18.24
N VAL A 25 6.11 1.14 -18.11
CA VAL A 25 7.54 0.92 -18.01
C VAL A 25 8.21 1.04 -19.37
N GLN A 26 7.69 0.31 -20.37
CA GLN A 26 8.39 0.20 -21.65
C GLN A 26 8.50 1.55 -22.35
N SER A 27 7.51 2.43 -22.18
CA SER A 27 7.49 3.73 -22.82
C SER A 27 8.54 4.68 -22.28
N GLY A 28 9.16 4.35 -21.16
CA GLY A 28 10.03 5.28 -20.47
C GLY A 28 9.32 6.18 -19.49
N GLU A 29 7.99 6.12 -19.39
CA GLU A 29 7.26 7.03 -18.52
C GLU A 29 7.62 6.81 -17.05
N LEU A 30 7.71 5.55 -16.60
CA LEU A 30 8.01 5.32 -15.19
C LEU A 30 9.39 5.88 -14.85
N ALA A 31 10.37 5.68 -15.72
CA ALA A 31 11.72 6.18 -15.44
C ALA A 31 11.71 7.71 -15.29
N GLN A 32 10.93 8.39 -16.13
N GLN A 32 10.94 8.41 -16.13
CA GLN A 32 10.85 9.84 -16.05
CA GLN A 32 10.83 9.86 -15.98
C GLN A 32 10.16 10.29 -14.76
C GLN A 32 10.18 10.20 -14.63
N MET A 33 9.17 9.52 -14.30
N MET A 33 9.08 9.53 -14.29
CA MET A 33 8.54 9.84 -13.02
CA MET A 33 8.36 9.84 -13.07
C MET A 33 9.52 9.71 -11.87
C MET A 33 9.26 9.71 -11.85
N LEU A 34 10.33 8.65 -11.89
N LEU A 34 10.18 8.76 -11.86
CA LEU A 34 11.25 8.38 -10.80
CA LEU A 34 11.13 8.65 -10.75
C LEU A 34 12.35 9.43 -10.71
C LEU A 34 12.02 9.88 -10.68
N LYS A 35 12.60 10.17 -11.79
N LYS A 35 12.48 10.37 -11.82
CA LYS A 35 13.57 11.25 -11.74
CA LYS A 35 13.27 11.60 -11.82
C LYS A 35 12.96 12.56 -11.30
C LYS A 35 12.45 12.77 -11.26
N GLN A 36 11.63 12.60 -11.11
N GLN A 36 11.14 12.75 -11.47
CA GLN A 36 10.88 13.85 -10.95
CA GLN A 36 10.31 13.89 -11.15
C GLN A 36 9.86 13.79 -9.82
C GLN A 36 9.80 13.91 -9.71
N GLY A 37 10.07 12.90 -8.88
CA GLY A 37 9.50 12.93 -7.55
C GLY A 37 8.59 11.79 -7.16
N VAL A 38 8.22 10.89 -8.07
CA VAL A 38 7.52 9.67 -7.69
C VAL A 38 8.57 8.70 -7.18
N CYS A 39 8.25 8.03 -6.07
N CYS A 39 8.33 8.04 -6.05
CA CYS A 39 9.23 7.27 -5.30
CA CYS A 39 9.41 7.18 -5.56
C CYS A 39 8.97 5.78 -5.22
C CYS A 39 8.96 5.78 -5.20
N GLY A 40 7.96 5.25 -5.90
CA GLY A 40 7.60 3.86 -5.77
C GLY A 40 6.32 3.58 -6.51
N VAL A 41 5.93 2.30 -6.51
CA VAL A 41 4.82 1.80 -7.31
C VAL A 41 4.10 0.74 -6.51
N THR A 42 2.77 0.77 -6.51
CA THR A 42 1.98 -0.33 -5.99
C THR A 42 1.06 -0.90 -7.06
N SER A 43 0.84 -2.21 -6.99
CA SER A 43 -0.14 -2.89 -7.81
C SER A 43 -1.07 -3.69 -6.91
N ASN A 44 -2.12 -4.21 -7.54
CA ASN A 44 -3.08 -5.11 -6.92
C ASN A 44 -3.81 -5.82 -8.04
N PRO A 45 -4.66 -6.80 -7.74
CA PRO A 45 -5.28 -7.55 -8.85
C PRO A 45 -6.19 -6.72 -9.75
N ALA A 46 -6.86 -5.71 -9.19
CA ALA A 46 -7.69 -4.83 -10.00
C ALA A 46 -6.84 -4.00 -10.95
N ILE A 47 -5.70 -3.52 -10.48
CA ILE A 47 -4.77 -2.77 -11.35
C ILE A 47 -4.32 -3.64 -12.51
N PHE A 48 -3.93 -4.89 -12.23
CA PHE A 48 -3.52 -5.78 -13.31
C PHE A 48 -4.69 -6.14 -14.22
N GLN A 49 -5.89 -6.33 -13.68
CA GLN A 49 -7.02 -6.66 -14.54
C GLN A 49 -7.22 -5.55 -15.56
N LYS A 50 -7.17 -4.29 -15.12
N LYS A 50 -7.18 -4.29 -15.12
CA LYS A 50 -7.37 -3.17 -16.03
CA LYS A 50 -7.38 -3.18 -16.03
C LYS A 50 -6.20 -3.03 -17.00
C LYS A 50 -6.20 -3.06 -17.01
N ALA A 51 -4.98 -3.23 -16.52
CA ALA A 51 -3.82 -3.13 -17.40
C ALA A 51 -3.85 -4.21 -18.48
N PHE A 52 -4.10 -5.46 -18.07
CA PHE A 52 -4.10 -6.55 -19.04
C PHE A 52 -5.20 -6.34 -20.08
N ALA A 53 -6.33 -5.76 -19.68
CA ALA A 53 -7.43 -5.58 -20.61
C ALA A 53 -7.22 -4.40 -21.56
N GLY A 54 -6.47 -3.39 -21.13
CA GLY A 54 -6.40 -2.14 -21.87
C GLY A 54 -5.08 -1.83 -22.55
N ASP A 55 -4.00 -2.47 -22.13
CA ASP A 55 -2.66 -2.15 -22.63
C ASP A 55 -2.31 -3.06 -23.80
N ALA A 56 -2.11 -2.46 -24.97
CA ALA A 56 -1.89 -3.24 -26.19
C ALA A 56 -0.66 -4.12 -26.12
N LEU A 57 0.33 -3.75 -25.29
CA LEU A 57 1.58 -4.50 -25.24
C LEU A 57 1.44 -5.88 -24.61
N TYR A 58 0.30 -6.19 -23.98
CA TYR A 58 0.12 -7.54 -23.48
C TYR A 58 -0.28 -8.53 -24.55
N ALA A 59 -0.83 -8.08 -25.67
CA ALA A 59 -1.42 -9.02 -26.64
C ALA A 59 -0.41 -10.05 -27.11
N ASP A 60 0.78 -9.60 -27.51
CA ASP A 60 1.77 -10.57 -28.01
C ASP A 60 2.27 -11.47 -26.89
N GLU A 61 2.36 -10.95 -25.66
N GLU A 61 2.37 -10.95 -25.67
CA GLU A 61 2.79 -11.76 -24.53
CA GLU A 61 2.79 -11.79 -24.55
C GLU A 61 1.78 -12.86 -24.24
C GLU A 61 1.77 -12.90 -24.30
N VAL A 62 0.49 -12.53 -24.26
CA VAL A 62 -0.55 -13.54 -24.03
C VAL A 62 -0.50 -14.60 -25.13
N ALA A 63 -0.35 -14.16 -26.39
CA ALA A 63 -0.28 -15.12 -27.49
C ALA A 63 0.91 -16.06 -27.32
N ALA A 64 2.06 -15.52 -26.92
CA ALA A 64 3.23 -16.36 -26.66
C ALA A 64 2.96 -17.36 -25.53
N LEU A 65 2.35 -16.89 -24.43
CA LEU A 65 2.13 -17.76 -23.28
C LEU A 65 1.06 -18.81 -23.54
N LYS A 66 0.12 -18.53 -24.45
CA LYS A 66 -0.89 -19.53 -24.80
C LYS A 66 -0.31 -20.64 -25.66
N ARG A 67 0.92 -20.51 -26.13
N ARG A 67 0.91 -20.50 -26.15
CA ARG A 67 1.59 -21.60 -26.82
CA ARG A 67 1.59 -21.61 -26.81
C ARG A 67 2.33 -22.53 -25.86
C ARG A 67 2.08 -22.66 -25.82
N GLN A 68 2.22 -22.28 -24.56
CA GLN A 68 2.89 -23.10 -23.54
C GLN A 68 1.85 -23.77 -22.66
N ASN A 69 2.25 -24.89 -22.06
CA ASN A 69 1.40 -25.64 -21.14
C ASN A 69 1.53 -25.00 -19.77
N LEU A 70 0.72 -23.97 -19.54
CA LEU A 70 0.75 -23.17 -18.33
C LEU A 70 -0.68 -22.95 -17.85
N SER A 71 -0.87 -22.94 -16.54
CA SER A 71 -2.18 -22.57 -16.02
C SER A 71 -2.44 -21.07 -16.22
N PRO A 72 -3.72 -20.66 -16.21
CA PRO A 72 -4.01 -19.22 -16.27
C PRO A 72 -3.27 -18.44 -15.21
N LYS A 73 -3.23 -18.92 -13.97
N LYS A 73 -3.17 -18.98 -13.99
CA LYS A 73 -2.50 -18.20 -12.93
CA LYS A 73 -2.47 -18.28 -12.93
C LYS A 73 -1.02 -18.05 -13.28
C LYS A 73 -0.97 -18.12 -13.23
N GLN A 74 -0.41 -19.11 -13.82
N GLN A 74 -0.33 -19.13 -13.82
CA GLN A 74 0.99 -19.03 -14.21
CA GLN A 74 1.07 -18.93 -14.17
C GLN A 74 1.18 -18.00 -15.33
C GLN A 74 1.23 -17.99 -15.36
N ARG A 75 0.28 -17.97 -16.30
CA ARG A 75 0.35 -16.97 -17.36
C ARG A 75 0.29 -15.56 -16.77
N TYR A 76 -0.68 -15.32 -15.88
CA TYR A 76 -0.78 -14.05 -15.18
C TYR A 76 0.53 -13.73 -14.46
N GLU A 77 1.08 -14.70 -13.73
CA GLU A 77 2.26 -14.39 -12.93
C GLU A 77 3.46 -14.08 -13.81
N THR A 78 3.61 -14.80 -14.92
CA THR A 78 4.71 -14.53 -15.83
C THR A 78 4.63 -13.09 -16.33
N MET A 79 3.43 -12.64 -16.70
N MET A 79 3.44 -12.61 -16.65
CA MET A 79 3.21 -11.27 -17.13
CA MET A 79 3.34 -11.24 -17.15
C MET A 79 3.51 -10.28 -16.01
C MET A 79 3.45 -10.21 -16.03
N ALA A 80 2.88 -10.48 -14.85
CA ALA A 80 2.96 -9.53 -13.75
C ALA A 80 4.37 -9.45 -13.17
N VAL A 81 5.02 -10.60 -12.95
CA VAL A 81 6.38 -10.61 -12.44
C VAL A 81 7.31 -9.87 -13.39
N ALA A 82 7.11 -10.05 -14.71
CA ALA A 82 7.96 -9.34 -15.65
C ALA A 82 7.77 -7.83 -15.53
N ASP A 83 6.50 -7.37 -15.42
CA ASP A 83 6.25 -5.95 -15.24
C ASP A 83 6.90 -5.44 -13.96
N VAL A 84 6.77 -6.20 -12.87
CA VAL A 84 7.30 -5.77 -11.59
C VAL A 84 8.81 -5.73 -11.61
N ARG A 85 9.45 -6.75 -12.19
N ARG A 85 9.44 -6.76 -12.17
CA ARG A 85 10.90 -6.76 -12.26
CA ARG A 85 10.90 -6.74 -12.24
C ARG A 85 11.41 -5.59 -13.09
C ARG A 85 11.38 -5.54 -13.06
N ALA A 86 10.75 -5.30 -14.21
CA ALA A 86 11.14 -4.16 -15.04
C ALA A 86 10.97 -2.86 -14.28
N ALA A 87 9.86 -2.71 -13.54
CA ALA A 87 9.64 -1.51 -12.75
C ALA A 87 10.67 -1.41 -11.63
N CYS A 88 11.03 -2.54 -11.01
CA CYS A 88 12.07 -2.52 -9.99
C CYS A 88 13.38 -1.98 -10.55
N ASP A 89 13.73 -2.41 -11.75
CA ASP A 89 14.97 -1.92 -12.35
C ASP A 89 14.91 -0.42 -12.59
N VAL A 90 13.76 0.08 -13.03
CA VAL A 90 13.59 1.52 -13.22
C VAL A 90 13.76 2.26 -11.89
N CYS A 91 13.28 1.69 -10.79
CA CYS A 91 13.29 2.34 -9.48
C CYS A 91 14.57 2.08 -8.70
N LEU A 92 15.50 1.31 -9.24
N LEU A 92 15.51 1.30 -9.24
CA LEU A 92 16.64 0.88 -8.45
CA LEU A 92 16.66 0.87 -8.44
C LEU A 92 17.55 2.05 -8.06
C LEU A 92 17.57 2.03 -8.07
N ALA A 93 17.81 2.98 -8.99
CA ALA A 93 18.68 4.10 -8.67
C ALA A 93 18.13 4.90 -7.50
N GLU A 94 16.82 5.17 -7.52
CA GLU A 94 16.19 5.86 -6.41
C GLU A 94 16.33 5.06 -5.13
N HIS A 95 16.04 3.76 -5.18
CA HIS A 95 16.13 2.89 -4.00
C HIS A 95 17.53 2.93 -3.41
N GLU A 96 18.56 2.76 -4.25
N GLU A 96 18.56 2.78 -4.26
CA GLU A 96 19.91 2.77 -3.74
CA GLU A 96 19.92 2.76 -3.74
C GLU A 96 20.26 4.14 -3.15
C GLU A 96 20.37 4.13 -3.27
N SER A 97 19.77 5.21 -3.78
CA SER A 97 20.15 6.57 -3.37
C SER A 97 19.75 6.87 -1.94
N THR A 98 18.76 6.20 -1.39
CA THR A 98 18.34 6.43 -0.01
C THR A 98 18.75 5.29 0.90
N GLY A 99 19.68 4.45 0.47
CA GLY A 99 20.05 3.32 1.29
C GLY A 99 18.94 2.29 1.41
N GLY A 100 18.11 2.16 0.39
CA GLY A 100 17.07 1.17 0.38
C GLY A 100 15.81 1.58 1.09
N LYS A 101 15.57 2.88 1.28
N LYS A 101 15.57 2.88 1.25
CA LYS A 101 14.41 3.32 2.03
CA LYS A 101 14.44 3.40 2.02
C LYS A 101 13.23 3.69 1.13
C LYS A 101 13.30 3.90 1.15
N THR A 102 13.46 3.87 -0.17
CA THR A 102 12.45 4.32 -1.11
C THR A 102 12.58 3.45 -2.36
N GLY A 103 11.78 3.74 -3.39
CA GLY A 103 11.98 3.07 -4.67
C GLY A 103 11.51 1.63 -4.72
N PHE A 104 10.42 1.32 -4.03
N PHE A 104 10.39 1.33 -4.08
CA PHE A 104 9.87 -0.02 -3.96
CA PHE A 104 9.87 -0.03 -3.97
C PHE A 104 8.76 -0.21 -4.99
C PHE A 104 8.72 -0.22 -4.96
N VAL A 105 8.59 -1.47 -5.43
CA VAL A 105 7.46 -1.89 -6.24
C VAL A 105 6.80 -3.06 -5.54
N SER A 106 5.46 -3.03 -5.41
CA SER A 106 4.71 -4.07 -4.69
C SER A 106 3.90 -4.95 -5.62
N LEU A 107 3.96 -6.28 -5.35
CA LEU A 107 3.17 -7.30 -6.04
C LEU A 107 2.41 -8.11 -5.00
N GLU A 108 1.09 -8.24 -5.17
CA GLU A 108 0.23 -8.91 -4.21
C GLU A 108 0.11 -10.40 -4.49
N VAL A 109 0.10 -11.19 -3.43
CA VAL A 109 -0.18 -12.62 -3.53
C VAL A 109 -1.64 -12.86 -3.91
N SER A 110 -1.95 -14.08 -4.29
N SER A 110 -1.96 -14.09 -4.27
CA SER A 110 -3.31 -14.40 -4.71
CA SER A 110 -3.31 -14.43 -4.69
C SER A 110 -4.30 -14.16 -3.58
C SER A 110 -4.30 -14.16 -3.57
N PRO A 111 -5.43 -13.49 -3.85
CA PRO A 111 -6.43 -13.29 -2.79
C PRO A 111 -6.93 -14.57 -2.14
N GLU A 112 -6.97 -15.69 -2.86
N GLU A 112 -6.96 -15.70 -2.87
N GLU A 112 -6.96 -15.69 -2.87
CA GLU A 112 -7.50 -16.91 -2.25
CA GLU A 112 -7.48 -16.93 -2.30
CA GLU A 112 -7.49 -16.91 -2.28
C GLU A 112 -6.66 -17.42 -1.10
C GLU A 112 -6.64 -17.44 -1.13
C GLU A 112 -6.64 -17.43 -1.12
N LEU A 113 -5.43 -16.91 -0.94
CA LEU A 113 -4.56 -17.33 0.15
C LEU A 113 -4.75 -16.49 1.42
N ALA A 114 -5.67 -15.53 1.43
CA ALA A 114 -5.65 -14.49 2.45
C ALA A 114 -5.82 -15.02 3.87
N LYS A 115 -6.52 -16.16 4.03
N LYS A 115 -6.51 -16.14 4.04
CA LYS A 115 -6.75 -16.76 5.34
CA LYS A 115 -6.72 -16.73 5.36
C LYS A 115 -5.79 -17.90 5.66
C LYS A 115 -5.91 -18.00 5.56
N ASP A 116 -4.85 -18.18 4.76
CA ASP A 116 -3.95 -19.33 4.84
C ASP A 116 -2.54 -18.80 5.08
N ALA A 117 -2.09 -18.79 6.33
CA ALA A 117 -0.79 -18.21 6.66
C ALA A 117 0.34 -18.95 5.97
N GLN A 118 0.33 -20.29 6.03
N GLN A 118 0.33 -20.29 6.01
N GLN A 118 0.34 -20.29 6.05
CA GLN A 118 1.41 -21.06 5.44
CA GLN A 118 1.43 -21.05 5.44
CA GLN A 118 1.41 -21.06 5.44
C GLN A 118 1.44 -20.90 3.93
C GLN A 118 1.45 -20.94 3.93
C GLN A 118 1.44 -20.88 3.92
N GLY A 119 0.27 -20.97 3.29
CA GLY A 119 0.21 -20.77 1.85
C GLY A 119 0.65 -19.39 1.43
N THR A 120 0.29 -18.38 2.23
CA THR A 120 0.76 -17.01 1.98
C THR A 120 2.28 -16.92 2.08
N VAL A 121 2.87 -17.50 3.12
CA VAL A 121 4.32 -17.49 3.24
C VAL A 121 4.95 -18.14 2.03
N GLU A 122 4.44 -19.30 1.63
CA GLU A 122 5.02 -20.03 0.50
C GLU A 122 4.96 -19.21 -0.78
N GLU A 123 3.80 -18.59 -1.06
CA GLU A 123 3.71 -17.81 -2.29
C GLU A 123 4.56 -16.54 -2.20
N ALA A 124 4.57 -15.89 -1.03
CA ALA A 124 5.35 -14.67 -0.89
C ALA A 124 6.84 -14.95 -1.07
N ARG A 125 7.35 -16.01 -0.43
CA ARG A 125 8.75 -16.38 -0.65
C ARG A 125 9.01 -16.65 -2.12
N ARG A 126 8.10 -17.36 -2.78
CA ARG A 126 8.31 -17.71 -4.17
C ARG A 126 8.30 -16.49 -5.08
N LEU A 127 7.34 -15.58 -4.87
CA LEU A 127 7.28 -14.38 -5.69
C LEU A 127 8.47 -13.47 -5.42
N HIS A 128 8.91 -13.40 -4.17
CA HIS A 128 10.12 -12.64 -3.85
C HIS A 128 11.30 -13.17 -4.66
N ALA A 129 11.45 -14.49 -4.71
CA ALA A 129 12.53 -15.10 -5.48
C ALA A 129 12.32 -14.90 -6.98
N ALA A 130 11.07 -14.99 -7.46
CA ALA A 130 10.80 -14.87 -8.89
C ALA A 130 11.12 -13.47 -9.40
N ILE A 131 10.72 -12.44 -8.66
CA ILE A 131 11.04 -11.08 -9.06
C ILE A 131 12.54 -10.88 -9.03
N ALA A 132 13.19 -11.34 -7.97
CA ALA A 132 14.65 -11.36 -7.86
C ALA A 132 15.23 -9.95 -7.78
N ARG A 133 14.54 -9.06 -7.05
CA ARG A 133 15.01 -7.69 -6.88
C ARG A 133 14.89 -7.26 -5.43
N LYS A 134 15.91 -6.55 -4.95
N LYS A 134 15.92 -6.55 -4.94
CA LYS A 134 15.97 -6.12 -3.56
CA LYS A 134 15.95 -6.13 -3.55
C LYS A 134 14.97 -5.01 -3.23
C LYS A 134 14.86 -5.12 -3.23
N ASN A 135 14.36 -4.40 -4.24
CA ASN A 135 13.40 -3.33 -4.03
C ASN A 135 11.97 -3.74 -4.34
N ALA A 136 11.68 -5.04 -4.33
CA ALA A 136 10.31 -5.51 -4.44
C ALA A 136 9.75 -5.77 -3.05
N MET A 137 8.51 -5.35 -2.84
CA MET A 137 7.72 -5.74 -1.69
C MET A 137 6.65 -6.71 -2.13
N ILE A 138 6.39 -7.71 -1.31
CA ILE A 138 5.26 -8.59 -1.51
C ILE A 138 4.10 -8.04 -0.71
N LYS A 139 2.97 -7.85 -1.38
CA LYS A 139 1.77 -7.31 -0.77
C LYS A 139 0.86 -8.42 -0.24
N VAL A 140 0.52 -8.31 1.03
CA VAL A 140 -0.16 -9.37 1.78
C VAL A 140 -1.31 -8.72 2.54
N PRO A 141 -2.56 -9.18 2.37
CA PRO A 141 -3.66 -8.62 3.16
C PRO A 141 -3.48 -8.83 4.65
N ALA A 142 -3.83 -7.80 5.41
CA ALA A 142 -3.70 -7.77 6.87
C ALA A 142 -4.81 -8.51 7.60
N THR A 143 -5.20 -9.69 7.13
CA THR A 143 -6.01 -10.58 7.94
C THR A 143 -5.16 -11.11 9.09
N ASP A 144 -5.80 -11.83 10.01
CA ASP A 144 -5.03 -12.45 11.07
C ASP A 144 -3.96 -13.39 10.50
N ALA A 145 -4.32 -14.17 9.47
CA ALA A 145 -3.34 -15.05 8.84
C ALA A 145 -2.23 -14.25 8.18
N GLY A 146 -2.57 -13.10 7.59
CA GLY A 146 -1.55 -12.27 6.98
C GLY A 146 -0.57 -11.72 7.98
N ILE A 147 -1.02 -11.43 9.20
CA ILE A 147 -0.13 -10.94 10.24
C ILE A 147 0.77 -12.07 10.75
N ASP A 148 0.24 -13.29 10.84
N ASP A 148 0.27 -13.29 10.84
CA ASP A 148 1.05 -14.49 11.08
CA ASP A 148 1.15 -14.41 11.12
C ASP A 148 2.15 -14.61 10.03
C ASP A 148 2.21 -14.54 10.02
N ALA A 149 1.78 -14.49 8.76
CA ALA A 149 2.73 -14.61 7.66
C ALA A 149 3.73 -13.46 7.69
N LEU A 150 3.29 -12.26 8.05
CA LEU A 150 4.19 -11.11 8.12
C LEU A 150 5.36 -11.40 9.04
N GLU A 151 5.09 -11.94 10.22
CA GLU A 151 6.15 -12.23 11.17
C GLU A 151 7.17 -13.18 10.55
N THR A 152 6.69 -14.23 9.90
CA THR A 152 7.58 -15.20 9.29
C THR A 152 8.39 -14.57 8.16
N LEU A 153 7.72 -13.81 7.29
CA LEU A 153 8.40 -13.21 6.14
C LEU A 153 9.45 -12.21 6.58
N VAL A 154 9.15 -11.40 7.60
CA VAL A 154 10.15 -10.49 8.14
C VAL A 154 11.33 -11.28 8.70
N SER A 155 11.06 -12.36 9.42
N SER A 155 11.05 -12.34 9.46
CA SER A 155 12.15 -13.17 9.95
CA SER A 155 12.11 -13.21 9.96
C SER A 155 12.96 -13.82 8.84
C SER A 155 12.98 -13.72 8.81
N ASP A 156 12.38 -13.96 7.65
CA ASP A 156 13.08 -14.46 6.48
C ASP A 156 13.82 -13.36 5.72
N GLY A 157 13.68 -12.11 6.15
CA GLY A 157 14.36 -11.02 5.50
C GLY A 157 13.64 -10.38 4.34
N ILE A 158 12.35 -10.65 4.18
CA ILE A 158 11.58 -10.21 3.03
C ILE A 158 10.80 -8.95 3.38
N SER A 159 10.85 -7.95 2.48
CA SER A 159 10.11 -6.71 2.63
C SER A 159 8.66 -6.94 2.20
N VAL A 160 7.73 -6.35 2.96
CA VAL A 160 6.31 -6.66 2.85
C VAL A 160 5.49 -5.38 2.87
N ASN A 161 4.47 -5.34 2.03
CA ASN A 161 3.45 -4.30 2.03
C ASN A 161 2.18 -4.95 2.57
N LEU A 162 1.83 -4.63 3.82
CA LEU A 162 0.67 -5.24 4.45
C LEU A 162 -0.53 -4.38 4.08
N THR A 163 -1.50 -4.93 3.35
CA THR A 163 -2.54 -4.13 2.72
C THR A 163 -3.91 -4.39 3.35
N LEU A 164 -4.90 -3.63 2.89
CA LEU A 164 -6.28 -3.77 3.34
C LEU A 164 -6.39 -3.61 4.86
N LEU A 165 -5.64 -2.65 5.40
CA LEU A 165 -5.83 -2.22 6.79
C LEU A 165 -6.88 -1.12 6.84
N PHE A 166 -7.83 -1.26 7.76
CA PHE A 166 -8.84 -0.24 8.02
C PHE A 166 -8.99 -0.03 9.52
N SER A 167 -8.19 -0.72 10.33
CA SER A 167 -8.35 -0.83 11.78
C SER A 167 -7.07 -0.42 12.48
N ARG A 168 -7.20 0.48 13.47
CA ARG A 168 -6.06 0.80 14.32
C ARG A 168 -5.61 -0.39 15.15
N ALA A 169 -6.56 -1.22 15.60
CA ALA A 169 -6.16 -2.38 16.40
C ALA A 169 -5.39 -3.38 15.57
N GLN A 170 -5.83 -3.65 14.34
CA GLN A 170 -5.14 -4.60 13.50
C GLN A 170 -3.78 -4.08 13.08
N THR A 171 -3.68 -2.76 12.89
CA THR A 171 -2.40 -2.16 12.56
C THR A 171 -1.40 -2.36 13.69
N LEU A 172 -1.83 -2.13 14.95
CA LEU A 172 -0.94 -2.37 16.08
C LEU A 172 -0.52 -3.82 16.19
N LYS A 173 -1.44 -4.75 15.87
N LYS A 173 -1.44 -4.75 15.88
CA LYS A 173 -1.08 -6.16 15.84
CA LYS A 173 -1.07 -6.16 15.84
C LYS A 173 0.01 -6.41 14.80
C LYS A 173 0.02 -6.40 14.81
N ALA A 174 -0.09 -5.74 13.65
CA ALA A 174 0.92 -5.88 12.63
C ALA A 174 2.28 -5.38 13.12
N TYR A 175 2.29 -4.24 13.81
CA TYR A 175 3.56 -3.72 14.32
C TYR A 175 4.20 -4.73 15.26
N ALA A 176 3.39 -5.33 16.16
CA ALA A 176 3.93 -6.30 17.10
C ALA A 176 4.50 -7.53 16.39
N ALA A 177 3.83 -8.00 15.33
CA ALA A 177 4.34 -9.14 14.58
C ALA A 177 5.64 -8.79 13.89
N TYR A 178 5.70 -7.60 13.29
CA TYR A 178 6.93 -7.12 12.68
C TYR A 178 8.06 -7.12 13.70
N ALA A 179 7.81 -6.54 14.88
CA ALA A 179 8.87 -6.45 15.88
C ALA A 179 9.34 -7.84 16.31
N ARG A 180 8.42 -8.80 16.44
CA ARG A 180 8.84 -10.16 16.78
C ARG A 180 9.75 -10.74 15.70
N GLY A 181 9.44 -10.52 14.43
CA GLY A 181 10.28 -11.06 13.37
C GLY A 181 11.65 -10.40 13.35
N ILE A 182 11.70 -9.08 13.58
CA ILE A 182 12.96 -8.37 13.65
C ILE A 182 13.79 -8.88 14.82
N ALA A 183 13.15 -9.01 15.98
CA ALA A 183 13.87 -9.47 17.16
C ALA A 183 14.45 -10.86 16.93
N LYS A 184 13.69 -11.74 16.26
N LYS A 184 13.73 -11.73 16.21
CA LYS A 184 14.21 -13.05 15.90
CA LYS A 184 14.24 -13.06 15.93
C LYS A 184 15.52 -12.92 15.12
C LYS A 184 15.47 -13.02 15.03
N ARG A 185 15.50 -12.10 14.07
CA ARG A 185 16.71 -11.96 13.24
C ARG A 185 17.88 -11.42 14.05
N LEU A 186 17.64 -10.39 14.87
CA LEU A 186 18.74 -9.84 15.65
C LEU A 186 19.32 -10.89 16.58
N ALA A 187 18.46 -11.72 17.18
CA ALA A 187 18.94 -12.74 18.10
C ALA A 187 19.79 -13.78 17.39
N ALA A 188 19.49 -14.05 16.12
CA ALA A 188 20.26 -14.97 15.30
C ALA A 188 21.43 -14.30 14.60
N GLY A 189 21.68 -13.01 14.87
CA GLY A 189 22.81 -12.36 14.26
C GLY A 189 22.63 -12.02 12.80
N GLN A 190 21.40 -12.00 12.32
CA GLN A 190 21.12 -11.69 10.93
C GLN A 190 20.84 -10.20 10.75
N SER A 191 21.03 -9.74 9.51
N SER A 191 21.06 -9.75 9.52
CA SER A 191 20.86 -8.33 9.18
CA SER A 191 20.84 -8.35 9.19
C SER A 191 19.40 -7.95 9.08
C SER A 191 19.36 -8.01 9.22
N VAL A 192 19.07 -6.75 9.55
CA VAL A 192 17.71 -6.23 9.50
C VAL A 192 17.63 -4.89 8.78
N ALA A 193 18.76 -4.25 8.50
CA ALA A 193 18.72 -2.87 8.05
C ALA A 193 18.10 -2.67 6.68
N HIS A 194 17.94 -3.71 5.87
N HIS A 194 17.96 -3.75 5.89
CA HIS A 194 17.30 -3.49 4.57
CA HIS A 194 17.38 -3.71 4.55
C HIS A 194 15.86 -4.00 4.51
C HIS A 194 16.03 -4.41 4.47
N ILE A 195 15.34 -4.55 5.60
CA ILE A 195 13.96 -5.02 5.64
C ILE A 195 13.07 -3.80 5.81
N GLN A 196 12.14 -3.61 4.89
CA GLN A 196 11.20 -2.49 4.93
C GLN A 196 9.78 -3.04 4.85
N VAL A 197 8.90 -2.50 5.70
CA VAL A 197 7.50 -2.87 5.72
C VAL A 197 6.67 -1.60 5.75
N VAL A 198 5.62 -1.58 4.93
CA VAL A 198 4.61 -0.53 4.99
C VAL A 198 3.28 -1.16 5.44
N ALA A 199 2.50 -0.37 6.19
CA ALA A 199 1.15 -0.73 6.63
C ALA A 199 0.20 0.15 5.83
N SER A 200 -0.43 -0.44 4.82
CA SER A 200 -1.26 0.29 3.87
C SER A 200 -2.68 0.38 4.41
N PHE A 201 -3.00 1.56 4.89
CA PHE A 201 -4.24 1.89 5.59
C PHE A 201 -5.13 2.61 4.59
N PHE A 202 -6.29 2.03 4.31
CA PHE A 202 -7.16 2.50 3.25
C PHE A 202 -8.05 3.64 3.74
N ILE A 203 -8.25 4.61 2.88
CA ILE A 203 -8.90 5.87 3.25
C ILE A 203 -10.32 5.96 2.69
N SER A 204 -10.46 6.07 1.36
CA SER A 204 -11.74 6.50 0.82
C SER A 204 -12.87 5.55 1.16
N ARG A 205 -12.55 4.25 1.25
N ARG A 205 -12.56 4.25 1.28
CA ARG A 205 -13.57 3.24 1.49
CA ARG A 205 -13.60 3.26 1.49
C ARG A 205 -14.32 3.48 2.79
C ARG A 205 -14.31 3.43 2.82
N VAL A 206 -13.66 4.05 3.80
CA VAL A 206 -14.33 4.35 5.06
C VAL A 206 -15.41 5.39 4.86
N ASP A 207 -15.07 6.49 4.18
CA ASP A 207 -16.05 7.53 3.93
C ASP A 207 -17.17 7.03 3.02
N SER A 208 -16.80 6.24 2.00
CA SER A 208 -17.82 5.67 1.12
C SER A 208 -18.83 4.84 1.90
N ALA A 209 -18.36 4.09 2.91
CA ALA A 209 -19.28 3.23 3.67
C ALA A 209 -20.21 4.05 4.57
N LEU A 210 -19.73 5.15 5.14
CA LEU A 210 -20.44 5.81 6.22
C LEU A 210 -21.19 7.06 5.83
N ASP A 211 -20.75 7.79 4.79
CA ASP A 211 -21.16 9.18 4.67
C ASP A 211 -22.66 9.35 4.47
N ALA A 212 -23.32 8.44 3.74
CA ALA A 212 -24.73 8.67 3.44
C ALA A 212 -25.57 8.75 4.71
N THR A 213 -25.14 8.11 5.80
N THR A 213 -25.12 8.12 5.79
CA THR A 213 -25.94 8.11 7.02
CA THR A 213 -25.92 8.07 7.02
C THR A 213 -25.34 8.94 8.14
C THR A 213 -25.32 8.89 8.16
N LEU A 214 -24.25 9.63 7.91
CA LEU A 214 -23.65 10.44 8.96
C LEU A 214 -24.31 11.82 8.99
N PRO A 215 -24.32 12.46 10.16
CA PRO A 215 -24.69 13.89 10.22
C PRO A 215 -23.74 14.76 9.40
N ASP A 216 -24.16 16.02 9.22
N ASP A 216 -24.32 15.83 8.83
CA ASP A 216 -23.43 16.98 8.38
CA ASP A 216 -23.67 16.49 7.71
C ASP A 216 -21.98 17.17 8.84
C ASP A 216 -22.31 17.04 8.10
N ARG A 217 -21.77 17.41 10.14
N ARG A 217 -22.18 17.48 9.34
CA ARG A 217 -20.43 17.77 10.60
CA ARG A 217 -20.90 17.96 9.86
C ARG A 217 -19.44 16.61 10.50
C ARG A 217 -19.86 16.86 9.92
N LEU A 218 -19.90 15.41 10.18
N LEU A 218 -20.27 15.59 9.89
CA LEU A 218 -19.01 14.26 10.07
CA LEU A 218 -19.30 14.50 9.96
C LEU A 218 -18.82 13.73 8.66
C LEU A 218 -19.02 13.85 8.61
N LYS A 219 -19.66 14.12 7.69
N LYS A 219 -19.77 14.19 7.56
CA LYS A 219 -19.49 13.61 6.34
CA LYS A 219 -19.52 13.59 6.26
C LYS A 219 -18.11 13.96 5.81
C LYS A 219 -18.13 13.95 5.77
N GLY A 220 -17.43 12.96 5.23
CA GLY A 220 -16.12 13.21 4.66
C GLY A 220 -15.01 13.40 5.66
N LYS A 221 -15.26 13.09 6.94
CA LYS A 221 -14.27 13.33 7.98
C LYS A 221 -13.72 12.05 8.62
N THR A 222 -14.44 10.94 8.55
CA THR A 222 -14.08 9.82 9.41
C THR A 222 -12.77 9.18 8.97
N ALA A 223 -12.57 9.01 7.66
CA ALA A 223 -11.37 8.33 7.19
C ALA A 223 -10.11 9.11 7.60
N ILE A 224 -10.13 10.43 7.42
CA ILE A 224 -9.00 11.25 7.82
C ILE A 224 -8.80 11.20 9.33
N ALA A 225 -9.88 11.24 10.11
CA ALA A 225 -9.73 11.16 11.56
C ALA A 225 -9.10 9.85 11.98
N LEU A 226 -9.53 8.73 11.37
N LEU A 226 -9.53 8.74 11.36
CA LEU A 226 -8.93 7.45 11.69
CA LEU A 226 -8.97 7.44 11.66
C LEU A 226 -7.46 7.43 11.34
C LEU A 226 -7.49 7.39 11.32
N ALA A 227 -7.12 7.94 10.16
CA ALA A 227 -5.72 7.99 9.75
C ALA A 227 -4.88 8.82 10.71
N LYS A 228 -5.39 9.99 11.10
N LYS A 228 -5.40 9.98 11.13
CA LYS A 228 -4.68 10.82 12.07
CA LYS A 228 -4.66 10.82 12.06
C LYS A 228 -4.43 10.04 13.35
C LYS A 228 -4.46 10.10 13.39
N ALA A 229 -5.47 9.37 13.85
CA ALA A 229 -5.32 8.61 15.09
C ALA A 229 -4.36 7.45 14.92
N ALA A 230 -4.40 6.77 13.77
CA ALA A 230 -3.43 5.72 13.50
C ALA A 230 -2.01 6.27 13.53
N TYR A 231 -1.79 7.46 12.99
CA TYR A 231 -0.45 8.02 13.01
C TYR A 231 -0.01 8.36 14.44
N GLN A 232 -0.93 8.84 15.28
N GLN A 232 -0.93 8.84 15.28
CA GLN A 232 -0.59 9.03 16.69
CA GLN A 232 -0.58 9.03 16.69
C GLN A 232 -0.20 7.72 17.34
C GLN A 232 -0.18 7.70 17.33
N ASP A 233 -0.93 6.63 17.03
CA ASP A 233 -0.58 5.33 17.59
C ASP A 233 0.81 4.92 17.14
N TRP A 234 1.13 5.21 15.87
CA TRP A 234 2.42 4.87 15.27
C TRP A 234 3.55 5.57 16.01
N GLU A 235 3.39 6.88 16.25
CA GLU A 235 4.42 7.61 17.00
C GLU A 235 4.64 6.96 18.36
N GLN A 236 3.55 6.63 19.05
N GLN A 236 3.55 6.62 19.06
CA GLN A 236 3.67 6.04 20.39
CA GLN A 236 3.69 6.05 20.39
C GLN A 236 4.37 4.69 20.33
C GLN A 236 4.36 4.68 20.35
N TYR A 237 3.95 3.83 19.40
CA TYR A 237 4.49 2.47 19.37
C TYR A 237 5.99 2.50 19.05
N PHE A 238 6.39 3.24 18.02
CA PHE A 238 7.75 3.15 17.52
C PHE A 238 8.75 3.97 18.33
N THR A 239 8.30 4.92 19.16
CA THR A 239 9.20 5.61 20.07
C THR A 239 9.32 4.94 21.43
N ALA A 240 8.50 3.94 21.73
CA ALA A 240 8.56 3.26 23.01
C ALA A 240 9.92 2.58 23.19
N PRO A 241 10.34 2.39 24.45
CA PRO A 241 11.66 1.78 24.66
C PRO A 241 11.82 0.43 23.99
N GLU A 242 10.75 -0.35 23.87
N GLU A 242 10.75 -0.36 23.90
CA GLU A 242 10.89 -1.68 23.29
CA GLU A 242 10.87 -1.68 23.30
C GLU A 242 11.34 -1.59 21.84
C GLU A 242 11.34 -1.57 21.85
N PHE A 243 10.67 -0.73 21.05
CA PHE A 243 11.11 -0.60 19.67
C PHE A 243 12.44 0.15 19.57
N ALA A 244 12.65 1.15 20.43
CA ALA A 244 13.91 1.90 20.35
C ALA A 244 15.10 0.97 20.49
N ALA A 245 14.98 -0.06 21.33
CA ALA A 245 16.07 -1.03 21.47
C ALA A 245 16.36 -1.76 20.17
N LEU A 246 15.32 -2.01 19.35
CA LEU A 246 15.52 -2.63 18.05
C LEU A 246 16.06 -1.65 17.03
N GLU A 247 15.54 -0.42 17.02
CA GLU A 247 16.00 0.59 16.08
C GLU A 247 17.46 0.92 16.32
N ALA A 248 17.91 0.90 17.58
CA ALA A 248 19.31 1.15 17.89
C ALA A 248 20.22 0.13 17.24
N GLN A 249 19.71 -1.08 16.99
CA GLN A 249 20.47 -2.18 16.40
C GLN A 249 20.32 -2.25 14.88
N GLY A 250 19.61 -1.29 14.28
CA GLY A 250 19.47 -1.25 12.84
C GLY A 250 18.08 -1.52 12.31
N ALA A 251 17.10 -1.82 13.17
CA ALA A 251 15.76 -2.06 12.67
C ALA A 251 15.14 -0.79 12.11
N ASN A 252 14.39 -0.94 11.02
CA ASN A 252 13.59 0.15 10.47
C ASN A 252 12.19 0.11 11.06
N ARG A 253 11.64 1.29 11.33
CA ARG A 253 10.23 1.36 11.68
C ARG A 253 9.38 0.90 10.49
N VAL A 254 8.25 0.25 10.77
CA VAL A 254 7.20 0.18 9.77
C VAL A 254 6.79 1.61 9.47
N GLN A 255 6.34 1.87 8.25
N GLN A 255 6.33 1.87 8.25
CA GLN A 255 5.74 3.17 7.91
CA GLN A 255 5.74 3.16 7.91
C GLN A 255 4.30 3.00 7.46
C GLN A 255 4.29 2.99 7.50
N LEU A 256 3.43 3.90 7.94
CA LEU A 256 2.07 3.98 7.43
C LEU A 256 2.08 4.47 5.99
N LEU A 257 1.25 3.84 5.19
CA LEU A 257 1.04 4.18 3.79
C LEU A 257 -0.45 4.40 3.59
N TRP A 258 -0.82 5.57 3.11
CA TRP A 258 -2.22 5.88 2.83
C TRP A 258 -2.56 5.39 1.43
N ALA A 259 -3.53 4.48 1.35
CA ALA A 259 -4.00 3.93 0.09
C ALA A 259 -5.48 4.21 -0.03
N SER A 260 -6.06 3.86 -1.18
CA SER A 260 -7.43 4.25 -1.49
C SER A 260 -7.60 5.76 -1.28
N THR A 261 -6.63 6.53 -1.80
CA THR A 261 -6.58 7.98 -1.61
C THR A 261 -7.14 8.76 -2.80
N GLY A 262 -7.60 8.08 -3.84
CA GLY A 262 -8.45 8.72 -4.84
C GLY A 262 -9.78 9.07 -4.22
N VAL A 263 -10.26 10.28 -4.46
CA VAL A 263 -11.54 10.71 -3.92
C VAL A 263 -12.66 10.11 -4.77
N LYS A 264 -13.65 9.52 -4.10
N LYS A 264 -13.65 9.52 -4.09
CA LYS A 264 -14.72 8.80 -4.77
CA LYS A 264 -14.72 8.77 -4.74
C LYS A 264 -16.02 9.56 -4.79
C LYS A 264 -16.08 9.44 -4.61
N ASN A 265 -16.13 10.62 -3.99
CA ASN A 265 -17.36 11.37 -3.84
C ASN A 265 -17.11 12.76 -4.43
N PRO A 266 -17.84 13.16 -5.47
CA PRO A 266 -17.53 14.45 -6.12
C PRO A 266 -17.84 15.64 -5.26
N ALA A 267 -18.48 15.45 -4.11
CA ALA A 267 -18.71 16.53 -3.16
C ALA A 267 -17.44 16.97 -2.45
N TYR A 268 -16.34 16.21 -2.58
CA TYR A 268 -15.10 16.53 -1.89
C TYR A 268 -14.04 16.90 -2.91
N PRO A 269 -13.13 17.82 -2.60
N PRO A 269 -13.14 17.82 -2.58
CA PRO A 269 -12.08 18.15 -3.56
CA PRO A 269 -12.03 18.14 -3.49
C PRO A 269 -11.21 16.94 -3.85
C PRO A 269 -11.26 16.88 -3.86
N ASP A 270 -10.81 16.81 -5.12
CA ASP A 270 -10.10 15.61 -5.57
C ASP A 270 -8.75 15.40 -4.90
N THR A 271 -8.17 16.43 -4.29
CA THR A 271 -6.91 16.29 -3.56
C THR A 271 -7.11 16.15 -2.04
N LEU A 272 -8.35 15.95 -1.58
CA LEU A 272 -8.63 15.95 -0.15
C LEU A 272 -7.71 15.00 0.61
N TYR A 273 -7.58 13.77 0.10
N TYR A 273 -7.61 13.76 0.16
CA TYR A 273 -6.94 12.66 0.78
CA TYR A 273 -6.89 12.83 1.01
C TYR A 273 -5.43 12.58 0.55
C TYR A 273 -5.39 13.08 0.96
N VAL A 274 -4.86 13.46 -0.26
N VAL A 274 -4.84 13.33 -0.23
CA VAL A 274 -3.44 13.64 -0.30
CA VAL A 274 -3.41 13.62 -0.29
C VAL A 274 -3.00 14.93 0.37
C VAL A 274 -3.11 14.86 0.54
N ASP A 275 -3.84 15.96 0.31
CA ASP A 275 -3.55 17.21 1.00
C ASP A 275 -3.63 17.03 2.52
N SER A 276 -4.51 16.16 3.02
CA SER A 276 -4.84 16.13 4.43
C SER A 276 -3.98 15.19 5.26
N LEU A 277 -3.13 14.38 4.62
CA LEU A 277 -2.48 13.25 5.29
C LEU A 277 -0.97 13.29 5.17
N ILE A 278 -0.38 14.48 4.97
CA ILE A 278 1.05 14.60 4.80
C ILE A 278 1.73 14.68 6.16
N GLY A 279 2.64 13.75 6.44
CA GLY A 279 3.43 13.75 7.65
C GLY A 279 4.70 12.95 7.50
N VAL A 280 5.60 13.11 8.46
N VAL A 280 5.61 13.13 8.45
CA VAL A 280 6.94 12.55 8.34
CA VAL A 280 6.93 12.55 8.35
C VAL A 280 6.94 11.03 8.51
C VAL A 280 6.87 11.03 8.44
N HIS A 281 7.72 10.37 7.67
CA HIS A 281 7.88 8.93 7.70
C HIS A 281 6.59 8.21 7.32
N THR A 282 5.93 8.70 6.27
CA THR A 282 4.77 8.03 5.71
C THR A 282 4.91 7.96 4.19
N VAL A 283 3.97 7.26 3.59
CA VAL A 283 3.87 7.08 2.15
C VAL A 283 2.41 7.35 1.79
N ASN A 284 2.17 7.85 0.58
CA ASN A 284 0.82 7.93 0.03
C ASN A 284 0.90 7.39 -1.39
N THR A 285 0.15 6.33 -1.68
CA THR A 285 0.13 5.77 -3.02
C THR A 285 -1.14 6.24 -3.72
N VAL A 286 -0.99 6.85 -4.90
CA VAL A 286 -2.09 7.56 -5.54
C VAL A 286 -2.33 7.06 -6.96
N PRO A 287 -3.58 6.92 -7.39
N PRO A 287 -3.59 6.89 -7.37
CA PRO A 287 -3.83 6.60 -8.79
CA PRO A 287 -3.85 6.62 -8.80
C PRO A 287 -3.48 7.78 -9.68
C PRO A 287 -3.39 7.78 -9.67
N ASP A 288 -3.30 7.50 -10.97
CA ASP A 288 -2.82 8.51 -11.92
C ASP A 288 -3.59 9.81 -11.81
N ALA A 289 -4.94 9.73 -11.79
CA ALA A 289 -5.72 10.97 -11.85
C ALA A 289 -5.55 11.80 -10.59
N THR A 290 -5.30 11.15 -9.46
CA THR A 290 -5.07 11.86 -8.22
C THR A 290 -3.68 12.48 -8.20
N LEU A 291 -2.68 11.75 -8.71
CA LEU A 291 -1.35 12.33 -8.87
C LEU A 291 -1.42 13.60 -9.72
N LYS A 292 -2.11 13.49 -10.86
N LYS A 292 -2.17 13.55 -10.82
CA LYS A 292 -2.36 14.63 -11.75
CA LYS A 292 -2.23 14.71 -11.70
C LYS A 292 -2.95 15.81 -10.97
C LYS A 292 -2.99 15.86 -11.04
N ALA A 293 -4.04 15.55 -10.27
CA ALA A 293 -4.75 16.60 -9.56
C ALA A 293 -3.86 17.24 -8.49
N PHE A 294 -3.07 16.44 -7.78
CA PHE A 294 -2.20 16.97 -6.73
C PHE A 294 -1.11 17.85 -7.31
N ILE A 295 -0.51 17.44 -8.43
CA ILE A 295 0.47 18.29 -9.09
C ILE A 295 -0.17 19.61 -9.52
N ASP A 296 -1.38 19.54 -10.05
CA ASP A 296 -2.02 20.73 -10.58
C ASP A 296 -2.44 21.71 -9.48
N HIS A 297 -3.08 21.21 -8.41
CA HIS A 297 -3.68 22.12 -7.42
C HIS A 297 -3.69 21.53 -6.02
N GLY A 298 -2.82 20.57 -5.72
CA GLY A 298 -2.60 20.14 -4.36
C GLY A 298 -1.79 21.14 -3.58
N THR A 299 -1.67 20.87 -2.28
CA THR A 299 -0.94 21.73 -1.36
C THR A 299 0.00 20.87 -0.51
N ALA A 300 1.26 21.29 -0.41
CA ALA A 300 2.24 20.59 0.40
C ALA A 300 2.35 21.30 1.74
N LYS A 301 1.80 20.69 2.77
N LYS A 301 1.77 20.69 2.77
CA LYS A 301 1.82 21.21 4.14
CA LYS A 301 1.83 21.20 4.13
C LYS A 301 1.75 20.00 5.05
C LYS A 301 1.73 19.99 5.06
N ALA A 302 2.35 20.11 6.25
CA ALA A 302 2.37 19.01 7.21
C ALA A 302 1.03 18.94 7.96
N THR A 303 0.05 18.37 7.28
CA THR A 303 -1.33 18.36 7.77
C THR A 303 -1.67 17.14 8.63
N LEU A 304 -0.94 16.04 8.49
CA LEU A 304 -1.36 14.81 9.14
C LEU A 304 -1.50 14.97 10.66
N THR A 305 -0.58 15.70 11.30
CA THR A 305 -0.64 15.84 12.74
C THR A 305 -1.43 17.05 13.22
N GLU A 306 -1.99 17.86 12.32
CA GLU A 306 -2.77 19.01 12.73
C GLU A 306 -4.10 18.57 13.33
N SER A 307 -4.54 19.28 14.36
CA SER A 307 -5.89 19.12 14.88
C SER A 307 -6.21 17.68 15.29
N ALA A 308 -5.26 17.05 15.97
CA ALA A 308 -5.48 15.70 16.48
C ALA A 308 -6.61 15.66 17.49
N ASP A 309 -6.81 16.75 18.24
CA ASP A 309 -7.91 16.81 19.19
C ASP A 309 -9.25 16.67 18.48
N GLU A 310 -9.40 17.33 17.33
N GLU A 310 -9.40 17.34 17.34
CA GLU A 310 -10.66 17.24 16.61
CA GLU A 310 -10.65 17.25 16.59
C GLU A 310 -10.87 15.85 16.03
C GLU A 310 -10.86 15.84 16.06
N ALA A 311 -9.78 15.17 15.62
CA ALA A 311 -9.90 13.79 15.17
C ALA A 311 -10.41 12.90 16.30
N ARG A 312 -9.83 13.05 17.50
N ARG A 312 -9.88 13.08 17.51
CA ARG A 312 -10.32 12.32 18.67
CA ARG A 312 -10.33 12.29 18.65
C ARG A 312 -11.81 12.55 18.87
C ARG A 312 -11.79 12.55 18.96
N ALA A 313 -12.22 13.81 18.89
CA ALA A 313 -13.61 14.15 19.19
C ALA A 313 -14.54 13.58 18.13
N ARG A 314 -14.12 13.61 16.87
CA ARG A 314 -14.94 13.05 15.82
C ARG A 314 -15.09 11.54 15.98
N LEU A 315 -14.00 10.84 16.28
CA LEU A 315 -14.10 9.40 16.48
C LEU A 315 -14.97 9.08 17.68
N ALA A 316 -14.96 9.93 18.72
CA ALA A 316 -15.88 9.71 19.83
C ALA A 316 -17.34 9.88 19.40
N GLU A 317 -17.61 10.81 18.49
N GLU A 317 -17.61 10.81 18.49
CA GLU A 317 -18.98 10.97 18.02
CA GLU A 317 -18.98 11.00 18.00
C GLU A 317 -19.39 9.82 17.10
C GLU A 317 -19.39 9.84 17.09
N ILE A 318 -18.47 9.32 16.28
CA ILE A 318 -18.76 8.15 15.46
C ILE A 318 -19.21 6.99 16.35
N ALA A 319 -18.50 6.77 17.47
CA ALA A 319 -18.90 5.74 18.42
C ALA A 319 -20.24 6.09 19.06
N ALA A 320 -20.45 7.37 19.38
CA ALA A 320 -21.72 7.78 19.98
C ALA A 320 -22.89 7.43 19.09
N LEU A 321 -22.70 7.55 17.77
CA LEU A 321 -23.72 7.24 16.78
C LEU A 321 -23.94 5.74 16.62
N GLY A 322 -23.10 4.92 17.22
CA GLY A 322 -23.25 3.48 17.11
C GLY A 322 -22.45 2.85 16.00
N ILE A 323 -21.55 3.58 15.38
CA ILE A 323 -20.65 3.02 14.38
C ILE A 323 -19.44 2.47 15.11
N ASP A 324 -19.26 1.16 15.02
CA ASP A 324 -18.10 0.49 15.62
C ASP A 324 -17.05 0.41 14.51
N VAL A 325 -15.99 1.22 14.62
CA VAL A 325 -15.02 1.28 13.53
C VAL A 325 -14.23 -0.01 13.40
N GLU A 326 -14.16 -0.84 14.45
CA GLU A 326 -13.51 -2.14 14.31
C GLU A 326 -14.39 -3.12 13.55
N THR A 327 -15.70 -3.14 13.83
CA THR A 327 -16.61 -3.94 13.02
C THR A 327 -16.57 -3.48 11.57
N LEU A 328 -16.62 -2.17 11.36
CA LEU A 328 -16.54 -1.63 10.02
C LEU A 328 -15.27 -2.09 9.33
N ALA A 329 -14.14 -2.00 10.02
CA ALA A 329 -12.86 -2.34 9.41
C ALA A 329 -12.86 -3.79 8.94
N ALA A 330 -13.42 -4.69 9.73
CA ALA A 330 -13.44 -6.09 9.32
C ALA A 330 -14.29 -6.26 8.07
N ARG A 331 -15.46 -5.61 8.02
N ARG A 331 -15.46 -5.62 8.05
CA ARG A 331 -16.31 -5.72 6.84
CA ARG A 331 -16.32 -5.67 6.88
C ARG A 331 -15.63 -5.11 5.62
C ARG A 331 -15.62 -5.12 5.64
N LEU A 332 -14.95 -3.98 5.79
CA LEU A 332 -14.28 -3.36 4.65
C LEU A 332 -13.14 -4.25 4.14
N GLN A 333 -12.41 -4.90 5.05
CA GLN A 333 -11.35 -5.79 4.63
C GLN A 333 -11.92 -6.98 3.87
N GLU A 334 -12.98 -7.60 4.41
N GLU A 334 -13.05 -7.53 4.37
CA GLU A 334 -13.54 -8.76 3.75
CA GLU A 334 -13.77 -8.60 3.68
C GLU A 334 -14.14 -8.39 2.39
C GLU A 334 -14.27 -8.16 2.32
N ASP A 335 -14.72 -7.19 2.27
N ASP A 335 -14.94 -7.00 2.26
CA ASP A 335 -15.27 -6.76 0.99
CA ASP A 335 -15.35 -6.42 0.97
C ASP A 335 -14.17 -6.39 0.00
C ASP A 335 -14.16 -6.39 0.02
N GLY A 336 -13.05 -5.84 0.49
CA GLY A 336 -11.91 -5.63 -0.38
C GLY A 336 -11.32 -6.92 -0.90
N LEU A 337 -11.28 -7.96 -0.06
CA LEU A 337 -10.82 -9.25 -0.53
C LEU A 337 -11.75 -9.82 -1.58
N LYS A 338 -13.07 -9.70 -1.38
N LYS A 338 -13.07 -9.68 -1.39
CA LYS A 338 -13.99 -10.18 -2.39
CA LYS A 338 -14.00 -10.13 -2.42
C LYS A 338 -13.79 -9.44 -3.70
C LYS A 338 -13.80 -9.35 -3.71
N GLN A 339 -13.61 -8.11 -3.62
N GLN A 339 -13.61 -8.04 -3.61
CA GLN A 339 -13.43 -7.30 -4.81
CA GLN A 339 -13.41 -7.23 -4.81
C GLN A 339 -12.14 -7.67 -5.53
C GLN A 339 -12.13 -7.64 -5.52
N PHE A 340 -11.05 -7.87 -4.77
CA PHE A 340 -9.79 -8.25 -5.40
C PHE A 340 -9.89 -9.64 -6.02
N GLU A 341 -10.58 -10.57 -5.35
CA GLU A 341 -10.75 -11.90 -5.93
C GLU A 341 -11.59 -11.83 -7.21
N GLU A 342 -12.63 -11.01 -7.22
N GLU A 342 -12.64 -11.00 -7.21
CA GLU A 342 -13.44 -10.86 -8.43
CA GLU A 342 -13.46 -10.83 -8.41
C GLU A 342 -12.58 -10.33 -9.57
C GLU A 342 -12.61 -10.31 -9.56
N ALA A 343 -11.78 -9.30 -9.30
CA ALA A 343 -10.90 -8.77 -10.32
C ALA A 343 -9.93 -9.83 -10.82
N PHE A 344 -9.38 -10.61 -9.90
CA PHE A 344 -8.43 -11.65 -10.27
C PHE A 344 -9.09 -12.68 -11.17
N GLU A 345 -10.29 -13.15 -10.80
N GLU A 345 -10.31 -13.12 -10.84
CA GLU A 345 -11.00 -14.10 -11.66
CA GLU A 345 -10.98 -14.09 -11.70
C GLU A 345 -11.30 -13.49 -13.02
C GLU A 345 -11.25 -13.51 -13.08
N LYS A 346 -11.57 -12.19 -13.05
N LYS A 346 -11.69 -12.24 -13.14
CA LYS A 346 -11.87 -11.51 -14.32
CA LYS A 346 -11.90 -11.60 -14.43
C LYS A 346 -10.65 -11.42 -15.22
C LYS A 346 -10.62 -11.55 -15.24
N LEU A 347 -9.46 -11.26 -14.63
N LEU A 347 -9.49 -11.27 -14.58
CA LEU A 347 -8.26 -11.22 -15.45
CA LEU A 347 -8.20 -11.22 -15.27
C LEU A 347 -7.82 -12.61 -15.88
C LEU A 347 -7.82 -12.58 -15.82
N LEU A 348 -8.14 -13.65 -15.09
CA LEU A 348 -7.72 -14.99 -15.48
C LEU A 348 -8.52 -15.53 -16.66
N ALA A 349 -9.79 -15.17 -16.80
CA ALA A 349 -10.63 -15.79 -17.82
C ALA A 349 -10.03 -15.65 -19.23
N PRO A 350 -9.55 -14.48 -19.65
CA PRO A 350 -8.95 -14.37 -21.00
C PRO A 350 -7.61 -15.09 -21.14
N LEU A 351 -7.04 -15.61 -20.07
CA LEU A 351 -5.77 -16.30 -20.11
C LEU A 351 -5.94 -17.80 -20.16
N VAL A 352 -7.19 -18.30 -20.15
CA VAL A 352 -7.44 -19.72 -20.30
C VAL A 352 -7.06 -20.19 -21.68
C1 EDO B . -2.11 -1.77 -2.47
O1 EDO B . -2.15 -1.72 -1.25
C2 EDO B . -2.91 -0.80 -3.30
O2 EDO B . -2.78 -1.10 -4.69
C1 CIT C . -5.89 1.19 -3.78
O1 CIT C . -5.27 2.16 -3.27
O2 CIT C . -5.48 0.71 -4.86
C2 CIT C . -7.08 0.56 -3.11
C3 CIT C . -8.34 0.70 -3.94
O7 CIT C . -8.55 2.08 -4.31
C4 CIT C . -8.34 -0.21 -5.15
C5 CIT C . -9.58 0.11 -5.98
O3 CIT C . -10.63 0.65 -5.51
O4 CIT C . -9.53 -0.19 -7.20
C6 CIT C . -9.50 0.31 -3.07
O5 CIT C . -9.81 -0.89 -2.89
O6 CIT C . -10.12 1.25 -2.53
H21 CIT C . -7.24 1.02 -2.13
H22 CIT C . -6.88 -0.51 -2.95
HO7 CIT C . -9.38 2.41 -3.91
H41 CIT C . -8.37 -1.26 -4.82
H42 CIT C . -7.44 -0.06 -5.74
C1 BME D . -5.75 10.06 18.41
C1 BME D . -5.66 9.24 19.20
C2 BME D . -6.49 10.97 17.44
C2 BME D . -6.87 9.96 18.65
O1 BME D . -6.65 9.16 19.02
O1 BME D . -6.04 8.48 20.33
S2 BME D . -5.38 11.97 16.40
S2 BME D . -6.37 11.20 17.43
H11 BME D . -5.26 10.67 19.17
H11 BME D . -4.89 9.96 19.49
H12 BME D . -4.97 9.51 17.87
H12 BME D . -5.23 8.59 18.44
H21 BME D . -7.15 11.63 18.00
H21 BME D . -7.41 10.45 19.46
H22 BME D . -7.12 10.36 16.78
H22 BME D . -7.54 9.24 18.18
HO1 BME D . -6.62 9.28 19.99
HO1 BME D . -5.24 8.08 20.73
HS2 BME D . -5.82 12.19 15.58
HS2 BME D . -7.15 11.65 17.09
C1 BME E . -24.87 7.11 11.91
C1 BME E . -24.78 7.15 11.49
C2 BME E . -25.90 6.37 12.76
C2 BME E . -25.13 6.03 12.46
O1 BME E . -25.34 8.40 11.61
O1 BME E . -25.74 8.18 11.52
S2 BME E . -25.46 4.64 13.03
S2 BME E . -26.54 5.04 11.90
H11 BME E . -24.69 6.56 10.98
H11 BME E . -24.72 6.75 10.48
H12 BME E . -23.92 7.17 12.44
H12 BME E . -23.80 7.57 11.74
H21 BME E . -26.87 6.42 12.26
H21 BME E . -25.37 6.47 13.43
H22 BME E . -25.99 6.87 13.72
H22 BME E . -24.27 5.38 12.59
HO1 BME E . -26.29 8.47 11.86
HO1 BME E . -25.35 9.00 11.85
HS2 BME E . -25.26 4.50 13.96
HS2 BME E . -26.66 4.29 12.48
O1 OXY F . 7.89 11.10 -3.43
O2 OXY F . 7.27 12.14 -3.31
C1 BME G . -10.41 -14.84 1.40
C2 BME G . -9.86 -13.89 0.35
O1 BME G . -9.79 -16.10 1.28
S2 BME G . -10.53 -14.16 -1.31
H11 BME G . -10.24 -14.43 2.40
H12 BME G . -11.49 -14.95 1.27
H21 BME G . -8.77 -14.01 0.30
H22 BME G . -10.07 -12.87 0.65
HO1 BME G . -10.03 -16.66 2.05
HS2 BME G . -10.14 -13.54 -1.93
C1 BME H . -23.38 2.02 7.18
C2 BME H . -23.26 2.75 8.50
O1 BME H . -22.19 1.31 6.92
S2 BME H . -22.55 1.69 9.78
H11 BME H . -23.58 2.73 6.38
H12 BME H . -24.22 1.32 7.22
H21 BME H . -24.24 3.09 8.83
H22 BME H . -22.63 3.63 8.38
HO1 BME H . -22.26 0.84 6.07
HS2 BME H . -22.51 2.15 10.62
#